data_5E0V
#
_entry.id   5E0V
#
_cell.length_a   80.721
_cell.length_b   80.721
_cell.length_c   66.556
_cell.angle_alpha   90.00
_cell.angle_beta   90.00
_cell.angle_gamma   120.00
#
_symmetry.space_group_name_H-M   'P 3'
#
loop_
_entity.id
_entity.type
_entity.pdbx_description
1 polymer 'Proliferating cell nuclear antigen'
2 polymer 'Flap endonuclease 1'
3 water water
#
loop_
_entity_poly.entity_id
_entity_poly.type
_entity_poly.pdbx_seq_one_letter_code
_entity_poly.pdbx_strand_id
1 'polypeptide(L)'
;MFEARLVQGSILKKVLEALKDLINEACWDISSSGVNLQSMDSSHVSLVQLTLRSEGFDTYRCDRNLAMGVNLTSMSKILK
CAGNEDIITLRAEDNADTLALVFEAPNQEKVSDYEMKLMDLDVEQLGIPEQEYSCVVKMPSGEFARICRDLSHIGDAVVI
SCAKDGVKFSASGELGNGNIKLSQTSNVDKEEEAVTIEMNEPVQLTFALRYLNFFTKATPLSSTVTLIMSADVPLVVEYK
IADMGHLKYYLAPKIEDEEGS
;
A,B
2 'polypeptide(L)' STQGRLDDFFKVTGSL C,D
#
# COMPACT_ATOMS: atom_id res chain seq x y z
N MET A 1 20.76 10.82 -3.49
CA MET A 1 19.46 11.51 -3.34
C MET A 1 18.53 10.68 -2.46
N PHE A 2 17.53 11.35 -1.87
CA PHE A 2 16.50 10.67 -1.11
C PHE A 2 15.24 10.55 -1.96
N GLU A 3 14.62 9.37 -1.93
CA GLU A 3 13.38 9.15 -2.67
C GLU A 3 12.52 8.09 -1.98
N ALA A 4 11.34 8.51 -1.53
CA ALA A 4 10.42 7.62 -0.83
C ALA A 4 9.03 7.68 -1.43
N ARG A 5 8.61 6.58 -2.03
CA ARG A 5 7.33 6.49 -2.72
C ARG A 5 6.33 5.68 -1.91
N LEU A 6 5.18 6.28 -1.65
CA LEU A 6 4.14 5.67 -0.81
C LEU A 6 2.82 5.59 -1.57
N VAL A 7 2.32 4.37 -1.72
CA VAL A 7 1.09 4.14 -2.47
C VAL A 7 -0.13 4.71 -1.78
N GLN A 8 -0.23 4.50 -0.47
CA GLN A 8 -1.33 5.02 0.32
C GLN A 8 -0.99 6.41 0.87
N GLY A 9 -1.16 7.42 0.03
CA GLY A 9 -0.85 8.78 0.38
C GLY A 9 -1.69 9.30 1.55
N SER A 10 -2.86 8.69 1.74
CA SER A 10 -3.74 9.06 2.83
C SER A 10 -3.00 9.05 4.17
N ILE A 11 -2.11 8.07 4.34
CA ILE A 11 -1.35 7.95 5.57
C ILE A 11 -0.58 9.21 5.90
N LEU A 12 0.08 9.78 4.90
CA LEU A 12 0.86 10.98 5.11
C LEU A 12 -0.05 12.19 5.37
N LYS A 13 -1.16 12.27 4.63
CA LYS A 13 -2.15 13.31 4.88
C LYS A 13 -2.59 13.23 6.34
N LYS A 14 -2.96 12.04 6.74
CA LYS A 14 -3.47 11.78 8.07
C LYS A 14 -2.43 12.11 9.13
N VAL A 15 -1.17 11.78 8.84
CA VAL A 15 -0.09 12.06 9.77
C VAL A 15 -0.04 13.55 10.06
N LEU A 16 0.04 14.38 9.02
CA LEU A 16 0.21 15.81 9.22
C LEU A 16 -1.03 16.50 9.77
N GLU A 17 -2.20 15.96 9.48
CA GLU A 17 -3.43 16.45 10.09
C GLU A 17 -3.33 16.30 11.61
N ALA A 18 -2.57 15.30 12.05
CA ALA A 18 -2.39 15.05 13.47
C ALA A 18 -1.38 16.00 14.09
N LEU A 19 -0.30 16.28 13.36
CA LEU A 19 0.81 17.06 13.91
C LEU A 19 0.55 18.56 13.89
N LYS A 20 0.06 19.06 12.76
CA LYS A 20 0.01 20.49 12.49
C LYS A 20 -0.57 21.32 13.63
N ASP A 21 -1.60 20.80 14.29
CA ASP A 21 -2.25 21.52 15.38
C ASP A 21 -1.43 21.43 16.66
N LEU A 22 -0.77 20.29 16.84
CA LEU A 22 0.04 20.07 18.03
C LEU A 22 1.41 20.72 17.89
N ILE A 23 1.95 20.68 16.68
CA ILE A 23 3.29 21.17 16.42
C ILE A 23 3.35 21.94 15.10
N ASN A 24 4.17 22.99 15.07
CA ASN A 24 4.32 23.81 13.89
C ASN A 24 5.57 23.45 13.10
N GLU A 25 6.72 23.48 13.77
CA GLU A 25 8.01 23.16 13.14
C GLU A 25 8.49 21.78 13.60
N ALA A 26 9.23 21.08 12.73
CA ALA A 26 9.73 19.74 13.07
C ALA A 26 10.84 19.30 12.11
N CYS A 27 11.70 18.41 12.60
CA CYS A 27 12.82 17.90 11.82
C CYS A 27 12.60 16.44 11.42
N TRP A 28 12.77 16.15 10.14
CA TRP A 28 12.55 14.81 9.61
C TRP A 28 13.85 14.04 9.46
N ASP A 29 14.00 12.99 10.27
CA ASP A 29 15.19 12.14 10.22
C ASP A 29 15.01 11.02 9.21
N ILE A 30 15.87 11.01 8.18
CA ILE A 30 15.81 10.03 7.12
C ILE A 30 17.00 9.08 7.17
N SER A 31 16.76 7.82 6.83
CA SER A 31 17.83 6.83 6.82
C SER A 31 17.51 5.66 5.90
N SER A 32 18.46 4.74 5.78
CA SER A 32 18.28 3.54 4.97
C SER A 32 17.16 2.66 5.53
N SER A 33 16.80 2.90 6.79
CA SER A 33 15.82 2.07 7.48
C SER A 33 14.38 2.60 7.36
N GLY A 34 14.24 3.91 7.19
CA GLY A 34 12.93 4.53 7.06
C GLY A 34 12.90 5.96 7.53
N VAL A 35 11.70 6.50 7.70
CA VAL A 35 11.51 7.88 8.11
C VAL A 35 11.03 7.99 9.54
N ASN A 36 11.69 8.84 10.31
CA ASN A 36 11.31 9.09 11.71
C ASN A 36 11.20 10.58 11.97
N LEU A 37 10.43 10.94 13.00
CA LEU A 37 10.30 12.32 13.42
C LEU A 37 10.13 12.39 14.93
N GLN A 38 10.68 13.44 15.53
CA GLN A 38 10.64 13.62 16.97
C GLN A 38 10.73 15.10 17.32
N SER A 39 9.69 15.63 17.95
CA SER A 39 9.69 17.04 18.33
C SER A 39 8.66 17.33 19.43
N MET A 40 8.91 18.39 20.17
CA MET A 40 8.02 18.82 21.25
C MET A 40 7.39 20.17 20.98
N ASP A 41 6.18 20.35 21.45
CA ASP A 41 5.48 21.64 21.32
C ASP A 41 6.29 22.73 22.01
N SER A 42 5.95 23.98 21.70
CA SER A 42 6.65 25.14 22.25
C SER A 42 6.64 25.13 23.77
N SER A 43 5.59 24.56 24.34
CA SER A 43 5.47 24.51 25.79
C SER A 43 6.18 23.30 26.38
N HIS A 44 6.70 22.42 25.52
CA HIS A 44 7.39 21.20 25.96
C HIS A 44 6.48 20.34 26.82
N VAL A 45 5.18 20.56 26.70
CA VAL A 45 4.23 19.81 27.50
C VAL A 45 3.99 18.46 26.86
N SER A 46 4.26 18.37 25.56
CA SER A 46 4.06 17.14 24.83
C SER A 46 5.21 16.86 23.86
N LEU A 47 5.36 15.59 23.52
CA LEU A 47 6.39 15.12 22.58
C LEU A 47 5.76 14.16 21.60
N VAL A 48 6.18 14.22 20.35
CA VAL A 48 5.72 13.29 19.34
C VAL A 48 6.88 12.45 18.84
N GLN A 49 6.60 11.19 18.51
CA GLN A 49 7.59 10.31 17.94
C GLN A 49 6.97 9.48 16.84
N LEU A 50 7.36 9.78 15.61
CA LEU A 50 6.85 9.08 14.44
C LEU A 50 7.88 8.10 13.92
N THR A 51 7.40 6.96 13.44
CA THR A 51 8.26 5.95 12.85
C THR A 51 7.63 5.40 11.58
N LEU A 52 8.35 5.48 10.48
CA LEU A 52 7.88 4.96 9.20
C LEU A 52 8.97 4.10 8.57
N ARG A 53 8.80 2.79 8.63
CA ARG A 53 9.81 1.87 8.16
C ARG A 53 9.83 1.77 6.64
N SER A 54 11.04 1.74 6.09
CA SER A 54 11.25 1.70 4.64
C SER A 54 10.46 0.60 3.96
N GLU A 55 10.28 -0.51 4.66
CA GLU A 55 9.60 -1.68 4.11
C GLU A 55 8.15 -1.39 3.74
N GLY A 56 7.61 -0.30 4.29
CA GLY A 56 6.24 0.07 3.99
C GLY A 56 6.09 0.78 2.65
N PHE A 57 7.22 1.27 2.12
CA PHE A 57 7.21 2.04 0.89
C PHE A 57 7.40 1.15 -0.33
N ASP A 58 6.70 1.48 -1.42
CA ASP A 58 6.83 0.73 -2.66
C ASP A 58 8.19 0.94 -3.29
N THR A 59 8.74 2.14 -3.09
CA THR A 59 10.05 2.49 -3.61
C THR A 59 10.75 3.39 -2.62
N TYR A 60 11.90 2.95 -2.12
CA TYR A 60 12.65 3.73 -1.13
C TYR A 60 14.12 3.80 -1.48
N ARG A 61 14.68 5.00 -1.42
CA ARG A 61 16.11 5.21 -1.56
C ARG A 61 16.56 6.33 -0.65
N CYS A 62 17.62 6.08 0.10
CA CYS A 62 18.26 7.10 0.92
C CYS A 62 19.75 6.86 0.96
N ASP A 63 20.49 7.67 0.21
CA ASP A 63 21.93 7.52 0.16
C ASP A 63 22.55 8.04 1.45
N ARG A 64 22.32 9.32 1.72
CA ARG A 64 22.86 9.96 2.91
C ARG A 64 21.75 10.22 3.94
N ASN A 65 22.02 9.90 5.19
CA ASN A 65 21.06 10.12 6.27
C ASN A 65 20.81 11.61 6.50
N LEU A 66 19.55 12.01 6.49
CA LEU A 66 19.17 13.43 6.50
C LEU A 66 18.54 13.88 7.81
N ALA A 67 18.32 15.19 7.93
CA ALA A 67 17.62 15.78 9.07
C ALA A 67 16.92 17.06 8.61
N MET A 68 15.77 16.89 7.97
CA MET A 68 15.10 17.99 7.28
C MET A 68 14.19 18.82 8.19
N GLY A 69 14.56 20.08 8.42
CA GLY A 69 13.72 21.00 9.15
C GLY A 69 12.56 21.47 8.29
N VAL A 70 11.36 21.45 8.85
CA VAL A 70 10.14 21.68 8.08
C VAL A 70 9.08 22.47 8.84
N ASN A 71 8.32 23.28 8.12
CA ASN A 71 7.11 23.90 8.65
C ASN A 71 5.92 22.98 8.36
N LEU A 72 5.35 22.41 9.41
CA LEU A 72 4.30 21.40 9.27
C LEU A 72 2.97 21.99 8.84
N THR A 73 2.77 23.27 9.11
CA THR A 73 1.57 23.96 8.66
C THR A 73 1.64 24.15 7.15
N SER A 74 2.76 24.69 6.69
CA SER A 74 3.02 24.85 5.27
C SER A 74 2.98 23.53 4.54
N MET A 75 3.35 22.46 5.25
CA MET A 75 3.47 21.14 4.64
C MET A 75 2.13 20.40 4.61
N SER A 76 1.28 20.68 5.57
CA SER A 76 -0.05 20.08 5.62
C SER A 76 -0.92 20.63 4.49
N LYS A 77 -0.68 21.89 4.16
CA LYS A 77 -1.42 22.56 3.09
C LYS A 77 -1.16 21.88 1.76
N ILE A 78 0.09 21.57 1.49
CA ILE A 78 0.46 20.88 0.26
C ILE A 78 -0.21 19.52 0.18
N LEU A 79 -0.41 18.89 1.33
CA LEU A 79 -1.00 17.56 1.35
C LEU A 79 -2.51 17.65 1.20
N LYS A 80 -3.08 18.83 1.44
CA LYS A 80 -4.47 19.05 1.11
C LYS A 80 -4.63 18.94 -0.39
N CYS A 81 -3.61 19.39 -1.11
CA CYS A 81 -3.61 19.33 -2.57
C CYS A 81 -3.48 17.90 -3.08
N ALA A 82 -3.30 16.95 -2.15
CA ALA A 82 -3.24 15.54 -2.50
C ALA A 82 -4.58 14.87 -2.24
N GLY A 83 -4.92 13.90 -3.07
CA GLY A 83 -6.12 13.10 -2.88
C GLY A 83 -5.83 11.91 -2.00
N ASN A 84 -6.89 11.31 -1.45
CA ASN A 84 -6.74 10.23 -0.49
C ASN A 84 -6.24 8.93 -1.12
N GLU A 85 -6.19 8.89 -2.43
CA GLU A 85 -5.65 7.73 -3.14
C GLU A 85 -4.63 8.14 -4.19
N ASP A 86 -3.94 9.24 -3.90
CA ASP A 86 -2.76 9.62 -4.66
C ASP A 86 -1.53 8.91 -4.12
N ILE A 87 -0.76 8.29 -5.00
CA ILE A 87 0.56 7.78 -4.62
C ILE A 87 1.45 8.99 -4.38
N ILE A 88 1.96 9.11 -3.17
CA ILE A 88 2.81 10.24 -2.80
C ILE A 88 4.27 9.83 -2.82
N THR A 89 5.09 10.67 -3.44
CA THR A 89 6.52 10.46 -3.48
C THR A 89 7.25 11.66 -2.91
N LEU A 90 8.20 11.40 -2.04
CA LEU A 90 9.02 12.43 -1.44
C LEU A 90 10.39 12.39 -2.08
N ARG A 91 10.98 13.55 -2.34
CA ARG A 91 12.25 13.62 -3.04
C ARG A 91 13.12 14.76 -2.50
N ALA A 92 14.43 14.50 -2.42
CA ALA A 92 15.37 15.50 -1.97
C ALA A 92 16.80 15.10 -2.33
N GLU A 93 17.67 16.09 -2.46
CA GLU A 93 19.07 15.83 -2.78
C GLU A 93 19.86 15.51 -1.52
N ASP A 94 21.06 14.97 -1.69
CA ASP A 94 21.92 14.63 -0.57
C ASP A 94 22.20 15.85 0.30
N ASN A 95 22.31 17.01 -0.34
CA ASN A 95 22.43 18.28 0.35
C ASN A 95 21.21 19.12 0.03
N ALA A 96 20.17 18.96 0.84
CA ALA A 96 18.85 19.52 0.52
C ALA A 96 18.50 20.74 1.36
N ASP A 97 18.03 21.78 0.67
CA ASP A 97 17.39 22.91 1.31
C ASP A 97 15.92 22.97 0.89
N THR A 98 15.52 22.01 0.07
CA THR A 98 14.13 21.91 -0.38
C THR A 98 13.65 20.46 -0.35
N LEU A 99 12.34 20.30 -0.23
CA LEU A 99 11.71 18.98 -0.25
C LEU A 99 10.67 18.90 -1.36
N ALA A 100 10.74 17.85 -2.16
CA ALA A 100 9.85 17.66 -3.29
C ALA A 100 8.78 16.62 -2.99
N LEU A 101 7.52 17.00 -3.22
CA LEU A 101 6.39 16.10 -3.04
C LEU A 101 5.65 15.89 -4.35
N VAL A 102 5.43 14.63 -4.71
CA VAL A 102 4.80 14.30 -5.98
C VAL A 102 3.57 13.41 -5.78
N PHE A 103 2.42 13.89 -6.23
CA PHE A 103 1.18 13.14 -6.11
C PHE A 103 0.72 12.61 -7.46
N GLU A 104 0.51 11.30 -7.53
CA GLU A 104 0.06 10.66 -8.76
C GLU A 104 -1.39 10.21 -8.62
N ALA A 105 -2.28 10.87 -9.37
CA ALA A 105 -3.69 10.50 -9.34
C ALA A 105 -3.86 9.08 -9.89
N PRO A 106 -4.86 8.35 -9.39
CA PRO A 106 -5.05 6.96 -9.81
C PRO A 106 -5.60 6.85 -11.23
N ASN A 107 -6.14 7.96 -11.74
CA ASN A 107 -6.63 8.01 -13.11
C ASN A 107 -5.51 7.85 -14.13
N GLN A 108 -4.27 7.93 -13.66
CA GLN A 108 -3.07 7.73 -14.48
C GLN A 108 -2.91 8.83 -15.53
N GLU A 109 -3.44 10.01 -15.24
CA GLU A 109 -3.32 11.12 -16.17
C GLU A 109 -3.10 12.46 -15.48
N LYS A 110 -3.21 12.47 -14.15
CA LYS A 110 -2.91 13.67 -13.37
C LYS A 110 -1.72 13.44 -12.45
N VAL A 111 -0.72 14.31 -12.58
CA VAL A 111 0.48 14.26 -11.75
C VAL A 111 0.81 15.66 -11.25
N SER A 112 0.83 15.82 -9.94
CA SER A 112 1.16 17.10 -9.32
C SER A 112 2.59 17.07 -8.79
N ASP A 113 3.26 18.23 -8.87
CA ASP A 113 4.62 18.36 -8.37
C ASP A 113 4.75 19.63 -7.53
N TYR A 114 4.83 19.45 -6.21
CA TYR A 114 5.02 20.56 -5.28
C TYR A 114 6.42 20.48 -4.66
N GLU A 115 7.09 21.62 -4.58
CA GLU A 115 8.43 21.69 -4.01
C GLU A 115 8.50 22.77 -2.92
N MET A 116 8.74 22.35 -1.68
CA MET A 116 8.71 23.28 -0.56
C MET A 116 10.10 23.51 0.04
N LYS A 117 10.23 24.61 0.78
CA LYS A 117 11.52 25.04 1.30
C LYS A 117 11.71 24.57 2.73
N LEU A 118 12.95 24.25 3.09
CA LEU A 118 13.28 23.77 4.43
C LEU A 118 13.74 24.93 5.31
N MET A 119 13.83 24.66 6.60
CA MET A 119 14.27 25.67 7.56
C MET A 119 15.33 25.13 8.50
N ASP A 120 16.24 25.99 8.93
CA ASP A 120 17.30 25.60 9.85
C ASP A 120 16.76 25.56 11.27
N LEU A 121 16.87 24.39 11.90
CA LEU A 121 16.15 24.12 13.14
C LEU A 121 17.06 23.71 14.30
N ASP A 122 16.67 24.14 15.50
CA ASP A 122 17.35 23.75 16.73
C ASP A 122 16.68 22.50 17.31
N VAL A 123 17.28 21.34 17.04
CA VAL A 123 16.72 20.07 17.50
C VAL A 123 16.99 19.87 18.97
N GLU A 124 16.19 19.01 19.59
CA GLU A 124 16.34 18.68 20.99
C GLU A 124 16.66 17.21 21.20
N GLN A 125 17.49 16.95 22.20
CA GLN A 125 17.95 15.61 22.52
C GLN A 125 17.26 15.09 23.78
N LEU A 126 16.94 13.80 23.77
CA LEU A 126 16.22 13.18 24.90
C LEU A 126 16.59 11.71 25.11
N GLY A 127 16.52 11.20 26.35
CA GLY A 127 16.05 11.93 27.53
C GLY A 127 14.97 11.18 28.29
N ILE A 128 14.59 10.01 27.79
CA ILE A 128 13.44 9.28 28.33
C ILE A 128 13.81 8.06 29.16
N PRO A 129 13.25 7.95 30.38
CA PRO A 129 13.35 6.66 31.07
C PRO A 129 12.22 5.76 30.62
N GLU A 130 12.52 4.51 30.30
CA GLU A 130 11.52 3.62 29.75
C GLU A 130 10.42 3.36 30.77
N GLN A 131 9.21 3.16 30.25
CA GLN A 131 8.01 3.14 31.07
C GLN A 131 7.94 1.99 32.06
N GLU A 132 7.38 2.27 33.24
CA GLU A 132 6.83 1.24 34.10
C GLU A 132 5.43 0.95 33.59
N TYR A 133 5.19 -0.25 33.08
CA TYR A 133 3.89 -0.52 32.48
C TYR A 133 2.84 -0.76 33.58
N SER A 134 2.62 0.29 34.38
CA SER A 134 1.74 0.23 35.54
C SER A 134 0.29 -0.01 35.15
N CYS A 135 -0.15 0.67 34.09
CA CYS A 135 -1.51 0.54 33.59
C CYS A 135 -1.52 0.75 32.08
N VAL A 136 -2.12 -0.19 31.36
CA VAL A 136 -2.16 -0.13 29.90
C VAL A 136 -3.59 -0.37 29.40
N VAL A 137 -4.01 0.42 28.41
CA VAL A 137 -5.38 0.36 27.89
C VAL A 137 -5.41 0.29 26.37
N LYS A 138 -5.91 -0.82 25.83
CA LYS A 138 -6.18 -0.93 24.40
C LYS A 138 -7.67 -0.77 24.14
N MET A 139 -8.02 0.09 23.19
CA MET A 139 -9.43 0.32 22.88
C MET A 139 -9.58 1.05 21.56
N PRO A 140 -10.81 1.08 21.02
CA PRO A 140 -11.08 1.84 19.79
C PRO A 140 -10.59 3.28 19.88
N SER A 141 -9.93 3.73 18.82
CA SER A 141 -9.41 5.08 18.76
C SER A 141 -10.54 6.10 18.78
N GLY A 142 -11.63 5.78 18.08
CA GLY A 142 -12.77 6.66 17.99
C GLY A 142 -13.41 6.90 19.35
N GLU A 143 -13.59 5.83 20.11
CA GLU A 143 -14.17 5.93 21.44
C GLU A 143 -13.34 6.84 22.33
N PHE A 144 -12.02 6.71 22.22
CA PHE A 144 -11.12 7.56 22.98
C PHE A 144 -11.30 9.02 22.59
N ALA A 145 -11.44 9.26 21.29
CA ALA A 145 -11.64 10.60 20.79
C ALA A 145 -12.94 11.16 21.32
N ARG A 146 -13.99 10.34 21.29
CA ARG A 146 -15.30 10.72 21.78
C ARG A 146 -15.23 11.12 23.25
N ILE A 147 -14.59 10.28 24.05
CA ILE A 147 -14.42 10.52 25.47
C ILE A 147 -13.74 11.85 25.74
N CYS A 148 -12.68 12.13 24.99
CA CYS A 148 -11.94 13.37 25.17
C CYS A 148 -12.76 14.59 24.77
N ARG A 149 -13.62 14.43 23.77
CA ARG A 149 -14.46 15.52 23.31
C ARG A 149 -15.54 15.83 24.35
N ASP A 150 -16.17 14.78 24.86
CA ASP A 150 -17.23 14.92 25.86
C ASP A 150 -16.76 15.74 27.05
N LEU A 151 -15.68 15.29 27.66
CA LEU A 151 -15.17 15.90 28.89
C LEU A 151 -14.53 17.26 28.63
N SER A 152 -14.24 17.55 27.37
CA SER A 152 -13.70 18.85 27.01
C SER A 152 -14.75 19.92 27.22
N HIS A 153 -16.02 19.51 27.14
CA HIS A 153 -17.13 20.42 27.37
C HIS A 153 -17.29 20.69 28.86
N ILE A 154 -16.96 19.68 29.67
CA ILE A 154 -17.11 19.76 31.11
C ILE A 154 -16.03 20.62 31.74
N GLY A 155 -14.77 20.32 31.44
CA GLY A 155 -13.66 21.01 32.05
C GLY A 155 -12.42 21.06 31.18
N ASP A 156 -11.37 21.66 31.73
CA ASP A 156 -10.12 21.86 31.02
C ASP A 156 -9.14 20.70 31.20
N ALA A 157 -9.43 19.83 32.16
CA ALA A 157 -8.52 18.74 32.51
C ALA A 157 -9.26 17.46 32.83
N VAL A 158 -8.53 16.34 32.82
CA VAL A 158 -9.08 15.02 33.09
C VAL A 158 -8.25 14.26 34.11
N VAL A 159 -8.91 13.56 35.03
CA VAL A 159 -8.25 12.69 35.99
C VAL A 159 -8.44 11.23 35.58
N ILE A 160 -7.34 10.56 35.27
CA ILE A 160 -7.38 9.16 34.85
C ILE A 160 -6.94 8.26 35.99
N SER A 161 -7.72 7.21 36.25
CA SER A 161 -7.46 6.33 37.39
C SER A 161 -7.62 4.88 36.98
N CYS A 162 -6.71 4.03 37.46
CA CYS A 162 -6.74 2.61 37.10
C CYS A 162 -7.12 1.73 38.29
N ALA A 163 -7.74 0.61 37.97
CA ALA A 163 -8.08 -0.44 38.92
C ALA A 163 -8.42 -1.66 38.07
N LYS A 164 -8.86 -2.76 38.68
CA LYS A 164 -9.22 -3.92 37.85
C LYS A 164 -10.71 -3.93 37.54
N ASP A 165 -11.48 -3.12 38.23
CA ASP A 165 -12.83 -2.82 37.75
C ASP A 165 -12.66 -2.21 36.37
N GLY A 166 -11.59 -1.42 36.25
CA GLY A 166 -11.16 -0.90 34.97
C GLY A 166 -10.45 0.43 35.13
N VAL A 167 -10.62 1.29 34.14
CA VAL A 167 -9.98 2.61 34.14
C VAL A 167 -11.06 3.68 34.03
N LYS A 168 -10.81 4.83 34.65
CA LYS A 168 -11.85 5.86 34.80
C LYS A 168 -11.35 7.26 34.49
N PHE A 169 -12.15 8.00 33.73
CA PHE A 169 -11.84 9.38 33.35
C PHE A 169 -12.84 10.34 33.97
N SER A 170 -12.33 11.39 34.62
CA SER A 170 -13.16 12.30 35.40
C SER A 170 -12.83 13.75 35.11
N ALA A 171 -13.86 14.57 34.93
CA ALA A 171 -13.70 15.99 34.69
C ALA A 171 -14.70 16.78 35.52
N SER A 172 -14.41 18.05 35.75
CA SER A 172 -15.24 18.88 36.60
C SER A 172 -15.24 20.33 36.13
N GLY A 173 -16.39 20.99 36.23
CA GLY A 173 -16.53 22.38 35.84
C GLY A 173 -17.56 23.13 36.66
N GLU A 174 -17.73 24.41 36.35
CA GLU A 174 -18.74 25.24 37.02
C GLU A 174 -20.13 24.72 36.71
N LEU A 175 -20.25 23.99 35.61
CA LEU A 175 -21.49 23.37 35.20
C LEU A 175 -21.83 22.19 36.13
N GLY A 176 -20.85 21.33 36.33
CA GLY A 176 -21.02 20.15 37.18
C GLY A 176 -19.76 19.31 37.10
N ASN A 177 -19.90 18.01 37.37
CA ASN A 177 -18.79 17.09 37.22
C ASN A 177 -19.23 15.81 36.53
N GLY A 178 -18.37 15.29 35.65
CA GLY A 178 -18.67 14.10 34.87
C GLY A 178 -17.58 13.05 34.96
N ASN A 179 -18.00 11.79 35.00
CA ASN A 179 -17.08 10.66 35.10
C ASN A 179 -17.43 9.57 34.10
N ILE A 180 -16.48 9.19 33.26
CA ILE A 180 -16.66 8.05 32.37
C ILE A 180 -15.79 6.89 32.81
N LYS A 181 -16.43 5.74 33.04
CA LYS A 181 -15.75 4.55 33.52
C LYS A 181 -15.68 3.49 32.44
N LEU A 182 -14.50 2.89 32.27
CA LEU A 182 -14.31 1.85 31.27
C LEU A 182 -13.94 0.53 31.94
N SER A 183 -14.60 -0.54 31.51
CA SER A 183 -14.35 -1.87 32.04
C SER A 183 -14.00 -2.84 30.92
N GLN A 184 -13.20 -3.85 31.24
CA GLN A 184 -12.72 -4.80 30.25
C GLN A 184 -13.63 -6.03 30.18
N THR A 185 -13.82 -6.55 28.97
CA THR A 185 -14.57 -7.78 28.76
C THR A 185 -14.43 -8.24 27.30
N SER A 186 -13.28 -7.98 26.68
CA SER A 186 -13.09 -8.27 25.26
C SER A 186 -11.60 -8.25 24.86
N ASN A 187 -11.08 -9.24 24.12
CA ASN A 187 -11.79 -10.42 23.63
C ASN A 187 -10.79 -11.43 23.06
N ALA A 194 -12.92 -4.10 20.71
CA ALA A 194 -12.63 -4.69 22.01
C ALA A 194 -11.83 -3.75 22.89
N VAL A 195 -12.15 -3.74 24.18
CA VAL A 195 -11.39 -2.95 25.16
C VAL A 195 -10.60 -3.86 26.08
N THR A 196 -9.37 -3.46 26.38
CA THR A 196 -8.44 -4.30 27.14
C THR A 196 -7.68 -3.50 28.19
N ILE A 197 -7.85 -3.87 29.46
CA ILE A 197 -7.19 -3.18 30.57
C ILE A 197 -6.27 -4.13 31.34
N GLU A 198 -4.98 -3.91 31.19
CA GLU A 198 -3.97 -4.68 31.89
C GLU A 198 -3.35 -3.82 32.99
N MET A 199 -3.81 -4.01 34.22
CA MET A 199 -3.29 -3.25 35.36
C MET A 199 -2.34 -4.09 36.20
N ASN A 200 -1.19 -3.51 36.51
CA ASN A 200 -0.22 -4.12 37.40
C ASN A 200 -0.15 -3.35 38.72
N GLU A 201 -0.64 -2.12 38.69
CA GLU A 201 -0.67 -1.28 39.89
C GLU A 201 -1.69 -0.16 39.71
N PRO A 202 -2.40 0.21 40.79
CA PRO A 202 -3.33 1.35 40.68
C PRO A 202 -2.61 2.69 40.52
N VAL A 203 -2.93 3.42 39.45
CA VAL A 203 -2.32 4.73 39.18
C VAL A 203 -3.38 5.82 39.09
N GLN A 204 -3.00 7.06 39.39
CA GLN A 204 -3.93 8.17 39.36
C GLN A 204 -3.23 9.49 39.05
N LEU A 205 -3.48 10.03 37.85
CA LEU A 205 -2.84 11.26 37.39
C LEU A 205 -3.84 12.20 36.71
N THR A 206 -3.42 13.45 36.52
CA THR A 206 -4.24 14.48 35.88
C THR A 206 -3.58 15.01 34.62
N PHE A 207 -4.38 15.30 33.60
CA PHE A 207 -3.87 15.78 32.32
C PHE A 207 -4.77 16.84 31.68
N ALA A 208 -4.19 17.60 30.74
CA ALA A 208 -4.92 18.64 30.02
C ALA A 208 -5.60 18.07 28.78
N LEU A 209 -6.90 18.31 28.66
CA LEU A 209 -7.70 17.71 27.59
C LEU A 209 -7.36 18.30 26.23
N ARG A 210 -6.88 19.54 26.23
CA ARG A 210 -6.48 20.22 25.00
C ARG A 210 -5.55 19.35 24.15
N TYR A 211 -4.51 18.83 24.79
CA TYR A 211 -3.52 18.03 24.10
C TYR A 211 -4.08 16.69 23.70
N LEU A 212 -4.89 16.09 24.56
CA LEU A 212 -5.52 14.82 24.25
C LEU A 212 -6.39 14.95 23.01
N ASN A 213 -7.04 16.09 22.86
CA ASN A 213 -7.88 16.33 21.70
C ASN A 213 -7.06 16.55 20.44
N PHE A 214 -5.83 17.05 20.60
CA PHE A 214 -4.89 17.13 19.48
C PHE A 214 -4.51 15.74 19.02
N PHE A 215 -4.14 14.89 19.97
CA PHE A 215 -3.68 13.53 19.68
C PHE A 215 -4.71 12.76 18.88
N THR A 216 -5.98 12.93 19.26
CA THR A 216 -7.06 12.12 18.74
C THR A 216 -7.37 12.43 17.27
N LYS A 217 -6.71 13.44 16.73
CA LYS A 217 -6.83 13.74 15.31
C LYS A 217 -5.94 12.77 14.52
N ALA A 218 -5.23 11.92 15.25
CA ALA A 218 -4.53 10.79 14.67
C ALA A 218 -5.42 9.56 14.64
N THR A 219 -6.67 9.74 15.06
CA THR A 219 -7.64 8.66 15.13
C THR A 219 -7.81 7.87 13.83
N PRO A 220 -7.82 8.57 12.67
CA PRO A 220 -8.04 7.84 11.41
C PRO A 220 -6.93 6.86 11.07
N LEU A 221 -5.78 6.96 11.71
CA LEU A 221 -4.62 6.15 11.38
C LEU A 221 -4.74 4.70 11.87
N SER A 222 -5.43 4.52 12.99
CA SER A 222 -5.59 3.18 13.56
C SER A 222 -6.99 2.96 14.09
N SER A 223 -7.45 1.72 14.00
CA SER A 223 -8.73 1.34 14.57
C SER A 223 -8.66 1.35 16.10
N THR A 224 -7.47 1.12 16.63
CA THR A 224 -7.25 1.06 18.08
C THR A 224 -6.22 2.07 18.56
N VAL A 225 -6.27 2.37 19.84
CA VAL A 225 -5.30 3.25 20.48
C VAL A 225 -4.83 2.59 21.78
N THR A 226 -3.57 2.84 22.13
CA THR A 226 -2.98 2.29 23.34
C THR A 226 -2.57 3.39 24.29
N LEU A 227 -2.88 3.20 25.58
CA LEU A 227 -2.59 4.21 26.60
C LEU A 227 -1.75 3.62 27.71
N ILE A 228 -0.45 3.90 27.69
CA ILE A 228 0.44 3.44 28.74
C ILE A 228 0.55 4.52 29.81
N MET A 229 0.24 4.14 31.04
CA MET A 229 0.18 5.09 32.14
C MET A 229 0.98 4.59 33.33
N SER A 230 1.80 5.48 33.90
CA SER A 230 2.66 5.13 35.02
C SER A 230 2.77 6.27 36.01
N ALA A 231 3.07 5.93 37.25
CA ALA A 231 3.05 6.89 38.36
C ALA A 231 4.08 7.99 38.18
N ASP A 232 3.60 9.23 38.13
CA ASP A 232 4.43 10.42 38.13
C ASP A 232 5.40 10.46 36.95
N VAL A 233 5.07 9.73 35.88
CA VAL A 233 5.78 9.87 34.62
C VAL A 233 4.78 10.25 33.53
N PRO A 234 5.25 10.87 32.44
CA PRO A 234 4.34 11.32 31.39
C PRO A 234 3.49 10.18 30.80
N LEU A 235 2.32 10.53 30.31
CA LEU A 235 1.42 9.57 29.69
C LEU A 235 1.87 9.27 28.26
N VAL A 236 1.62 8.04 27.83
CA VAL A 236 1.91 7.64 26.46
C VAL A 236 0.63 7.25 25.72
N VAL A 237 0.42 7.85 24.56
CA VAL A 237 -0.71 7.51 23.70
C VAL A 237 -0.17 7.05 22.34
N GLU A 238 -0.42 5.81 21.99
CA GLU A 238 0.18 5.20 20.81
C GLU A 238 -0.86 4.79 19.77
N TYR A 239 -0.61 5.17 18.52
CA TYR A 239 -1.37 4.68 17.38
C TYR A 239 -0.44 3.90 16.45
N LYS A 240 -0.80 2.66 16.13
CA LYS A 240 -0.05 1.89 15.15
C LYS A 240 -0.43 2.36 13.75
N ILE A 241 0.52 2.29 12.83
CA ILE A 241 0.29 2.76 11.46
C ILE A 241 0.43 1.61 10.47
N ALA A 242 -0.59 0.78 10.43
CA ALA A 242 -0.74 -0.29 9.43
C ALA A 242 0.57 -1.00 9.07
N ASP A 243 1.17 -1.67 10.05
CA ASP A 243 2.40 -2.43 9.83
C ASP A 243 3.47 -1.61 9.09
N MET A 244 3.49 -0.31 9.37
CA MET A 244 4.50 0.58 8.82
C MET A 244 5.26 1.28 9.93
N GLY A 245 4.65 1.32 11.10
CA GLY A 245 5.28 1.92 12.27
C GLY A 245 4.27 2.31 13.31
N HIS A 246 4.54 3.44 13.96
CA HIS A 246 3.73 3.89 15.08
C HIS A 246 3.83 5.40 15.25
N LEU A 247 2.82 5.98 15.87
CA LEU A 247 2.82 7.39 16.21
C LEU A 247 2.62 7.50 17.71
N LYS A 248 3.63 8.03 18.41
CA LYS A 248 3.63 8.03 19.85
C LYS A 248 3.60 9.44 20.43
N TYR A 249 2.60 9.68 21.26
CA TYR A 249 2.44 10.96 21.94
C TYR A 249 2.81 10.84 23.41
N TYR A 250 3.69 11.71 23.87
CA TYR A 250 3.99 11.83 25.29
C TYR A 250 3.28 13.07 25.84
N LEU A 251 2.77 12.98 27.06
CA LEU A 251 2.08 14.11 27.69
C LEU A 251 2.43 14.24 29.16
N ALA A 252 2.80 15.45 29.57
CA ALA A 252 3.17 15.73 30.96
C ALA A 252 1.92 15.98 31.81
N PRO A 253 1.87 15.38 33.02
CA PRO A 253 0.74 15.60 33.93
C PRO A 253 0.84 16.92 34.70
N LYS A 254 -0.03 17.10 35.68
CA LYS A 254 -0.07 18.34 36.46
C LYS A 254 0.51 18.15 37.87
N ILE A 255 0.68 19.28 38.56
CA ILE A 255 1.28 19.34 39.91
C ILE A 255 2.78 19.06 39.84
N MET B 1 23.98 -23.26 -12.68
CA MET B 1 23.48 -22.52 -13.88
C MET B 1 21.99 -22.76 -14.08
N PHE B 2 21.31 -21.75 -14.61
CA PHE B 2 19.92 -21.88 -15.01
C PHE B 2 19.82 -22.07 -16.51
N GLU B 3 19.00 -23.02 -16.95
CA GLU B 3 18.82 -23.31 -18.36
C GLU B 3 17.43 -23.88 -18.62
N ALA B 4 16.63 -23.17 -19.39
CA ALA B 4 15.26 -23.57 -19.69
C ALA B 4 14.95 -23.46 -21.17
N ARG B 5 14.78 -24.60 -21.83
CA ARG B 5 14.49 -24.64 -23.25
C ARG B 5 13.01 -24.87 -23.51
N LEU B 6 12.42 -24.03 -24.35
CA LEU B 6 11.00 -24.07 -24.66
C LEU B 6 10.78 -24.20 -26.16
N VAL B 7 10.16 -25.29 -26.58
CA VAL B 7 9.98 -25.56 -28.00
C VAL B 7 9.08 -24.53 -28.69
N GLN B 8 7.96 -24.21 -28.05
CA GLN B 8 7.04 -23.22 -28.59
C GLN B 8 7.38 -21.83 -28.07
N GLY B 9 8.36 -21.20 -28.72
CA GLY B 9 8.83 -19.89 -28.30
C GLY B 9 7.77 -18.81 -28.38
N SER B 10 6.75 -19.03 -29.20
CA SER B 10 5.65 -18.08 -29.35
C SER B 10 5.06 -17.72 -28.00
N ILE B 11 4.96 -18.70 -27.11
CA ILE B 11 4.40 -18.50 -25.78
C ILE B 11 5.09 -17.38 -25.03
N LEU B 12 6.42 -17.38 -25.08
CA LEU B 12 7.19 -16.37 -24.38
C LEU B 12 7.02 -15.00 -25.03
N LYS B 13 6.98 -14.98 -26.36
CA LYS B 13 6.69 -13.76 -27.09
C LYS B 13 5.33 -13.22 -26.67
N LYS B 14 4.33 -14.08 -26.74
CA LYS B 14 2.96 -13.72 -26.39
C LYS B 14 2.88 -13.24 -24.95
N VAL B 15 3.59 -13.93 -24.06
CA VAL B 15 3.62 -13.54 -22.66
C VAL B 15 4.12 -12.11 -22.52
N LEU B 16 5.25 -11.79 -23.15
CA LEU B 16 5.85 -10.46 -23.01
C LEU B 16 5.04 -9.37 -23.71
N GLU B 17 4.40 -9.73 -24.81
CA GLU B 17 3.58 -8.77 -25.55
C GLU B 17 2.40 -8.31 -24.69
N ALA B 18 1.95 -9.20 -23.82
CA ALA B 18 0.84 -8.88 -22.93
C ALA B 18 1.27 -7.93 -21.82
N LEU B 19 2.45 -8.19 -21.27
CA LEU B 19 2.93 -7.49 -20.09
C LEU B 19 3.52 -6.13 -20.39
N LYS B 20 4.33 -6.06 -21.44
CA LYS B 20 5.15 -4.88 -21.73
C LYS B 20 4.38 -3.58 -21.63
N ASP B 21 3.10 -3.62 -22.02
CA ASP B 21 2.26 -2.44 -22.02
C ASP B 21 1.69 -2.16 -20.63
N LEU B 22 1.45 -3.23 -19.88
CA LEU B 22 0.90 -3.11 -18.53
C LEU B 22 1.98 -2.78 -17.51
N ILE B 23 3.16 -3.36 -17.71
CA ILE B 23 4.27 -3.17 -16.78
C ILE B 23 5.59 -3.01 -17.53
N ASN B 24 6.49 -2.22 -16.95
CA ASN B 24 7.81 -2.01 -17.53
C ASN B 24 8.84 -2.94 -16.91
N GLU B 25 8.97 -2.87 -15.59
CA GLU B 25 9.95 -3.67 -14.85
C GLU B 25 9.27 -4.77 -14.05
N ALA B 26 9.98 -5.88 -13.87
CA ALA B 26 9.42 -7.03 -13.15
C ALA B 26 10.51 -8.01 -12.76
N CYS B 27 10.27 -8.78 -11.70
CA CYS B 27 11.23 -9.76 -11.20
C CYS B 27 10.81 -11.18 -11.54
N TRP B 28 11.72 -11.91 -12.18
CA TRP B 28 11.46 -13.30 -12.55
C TRP B 28 11.99 -14.26 -11.48
N ASP B 29 11.06 -14.89 -10.77
CA ASP B 29 11.42 -15.86 -9.75
C ASP B 29 11.62 -17.24 -10.37
N ILE B 30 12.85 -17.75 -10.26
CA ILE B 30 13.22 -19.01 -10.87
C ILE B 30 13.43 -20.07 -9.79
N SER B 31 13.04 -21.31 -10.08
CA SER B 31 13.22 -22.39 -9.14
C SER B 31 13.21 -23.75 -9.84
N SER B 32 13.44 -24.80 -9.06
CA SER B 32 13.43 -26.16 -9.59
C SER B 32 12.05 -26.54 -10.11
N SER B 33 11.03 -25.78 -9.72
CA SER B 33 9.65 -26.10 -10.06
C SER B 33 9.19 -25.48 -11.38
N GLY B 34 9.79 -24.35 -11.75
CA GLY B 34 9.41 -23.66 -12.96
C GLY B 34 9.65 -22.16 -12.84
N VAL B 35 9.10 -21.41 -13.79
CA VAL B 35 9.26 -19.96 -13.81
C VAL B 35 7.97 -19.26 -13.39
N ASN B 36 8.11 -18.33 -12.45
CA ASN B 36 6.98 -17.54 -11.98
C ASN B 36 7.32 -16.06 -12.03
N LEU B 37 6.29 -15.22 -12.09
CA LEU B 37 6.47 -13.78 -12.05
C LEU B 37 5.33 -13.11 -11.31
N GLN B 38 5.65 -12.04 -10.61
CA GLN B 38 4.68 -11.32 -9.79
C GLN B 38 5.07 -9.84 -9.75
N SER B 39 4.21 -8.98 -10.28
CA SER B 39 4.50 -7.56 -10.30
C SER B 39 3.24 -6.73 -10.47
N MET B 40 3.30 -5.50 -9.96
CA MET B 40 2.19 -4.56 -10.04
C MET B 40 2.58 -3.36 -10.89
N ASP B 41 1.62 -2.83 -11.63
CA ASP B 41 1.87 -1.63 -12.43
C ASP B 41 2.27 -0.49 -11.50
N SER B 42 2.84 0.56 -12.07
CA SER B 42 3.35 1.68 -11.29
C SER B 42 2.26 2.27 -10.39
N SER B 43 1.02 2.20 -10.83
CA SER B 43 -0.08 2.78 -10.05
C SER B 43 -0.64 1.80 -9.03
N HIS B 44 -0.10 0.57 -9.00
CA HIS B 44 -0.58 -0.47 -8.10
C HIS B 44 -2.08 -0.69 -8.25
N VAL B 45 -2.61 -0.31 -9.40
CA VAL B 45 -4.02 -0.49 -9.70
C VAL B 45 -4.25 -1.92 -10.16
N SER B 46 -3.19 -2.55 -10.66
CA SER B 46 -3.28 -3.93 -11.14
C SER B 46 -2.07 -4.75 -10.71
N LEU B 47 -2.24 -6.07 -10.74
CA LEU B 47 -1.19 -7.01 -10.40
C LEU B 47 -1.20 -8.15 -11.41
N VAL B 48 -0.02 -8.62 -11.80
CA VAL B 48 0.10 -9.77 -12.68
C VAL B 48 0.75 -10.94 -11.96
N GLN B 49 0.32 -12.15 -12.28
CA GLN B 49 0.89 -13.35 -11.70
C GLN B 49 1.03 -14.42 -12.76
N LEU B 50 2.28 -14.69 -13.13
CA LEU B 50 2.59 -15.68 -14.15
C LEU B 50 3.10 -16.98 -13.53
N THR B 51 2.72 -18.09 -14.14
CA THR B 51 3.15 -19.42 -13.70
C THR B 51 3.50 -20.28 -14.90
N LEU B 52 4.75 -20.75 -14.94
CA LEU B 52 5.21 -21.65 -15.99
C LEU B 52 5.93 -22.83 -15.37
N ARG B 53 5.31 -23.99 -15.43
CA ARG B 53 5.85 -25.19 -14.80
C ARG B 53 6.97 -25.80 -15.63
N SER B 54 7.98 -26.31 -14.94
CA SER B 54 9.14 -26.93 -15.58
C SER B 54 8.75 -28.02 -16.57
N GLU B 55 7.65 -28.72 -16.29
CA GLU B 55 7.23 -29.84 -17.12
C GLU B 55 6.88 -29.39 -18.53
N GLY B 56 6.60 -28.11 -18.71
CA GLY B 56 6.28 -27.58 -20.02
C GLY B 56 7.51 -27.43 -20.89
N PHE B 57 8.68 -27.42 -20.25
CA PHE B 57 9.95 -27.22 -20.94
C PHE B 57 10.55 -28.55 -21.38
N ASP B 58 11.11 -28.57 -22.58
CA ASP B 58 11.77 -29.77 -23.09
C ASP B 58 13.04 -30.05 -22.30
N THR B 59 13.67 -28.97 -21.83
CA THR B 59 14.89 -29.07 -21.05
C THR B 59 14.87 -28.00 -19.97
N TYR B 60 14.94 -28.42 -18.72
CA TYR B 60 14.92 -27.49 -17.60
C TYR B 60 15.98 -27.84 -16.56
N ARG B 61 16.73 -26.82 -16.16
CA ARG B 61 17.74 -26.95 -15.12
C ARG B 61 17.83 -25.67 -14.30
N CYS B 62 17.73 -25.82 -12.98
CA CYS B 62 17.86 -24.69 -12.08
C CYS B 62 18.55 -25.15 -10.80
N ASP B 63 19.80 -24.74 -10.65
CA ASP B 63 20.58 -25.12 -9.48
C ASP B 63 20.15 -24.29 -8.29
N ARG B 64 20.27 -22.97 -8.41
CA ARG B 64 19.95 -22.06 -7.32
C ARG B 64 18.71 -21.22 -7.67
N ASN B 65 17.82 -21.05 -6.71
CA ASN B 65 16.62 -20.24 -6.90
C ASN B 65 16.98 -18.77 -7.11
N LEU B 66 16.46 -18.19 -8.20
CA LEU B 66 16.84 -16.84 -8.61
C LEU B 66 15.72 -15.83 -8.43
N ALA B 67 16.05 -14.56 -8.63
CA ALA B 67 15.08 -13.47 -8.62
C ALA B 67 15.59 -12.35 -9.52
N MET B 68 15.50 -12.55 -10.83
CA MET B 68 16.11 -11.65 -11.80
C MET B 68 15.23 -10.45 -12.14
N GLY B 69 15.68 -9.26 -11.77
CA GLY B 69 15.01 -8.04 -12.15
C GLY B 69 15.26 -7.76 -13.62
N VAL B 70 14.21 -7.40 -14.34
CA VAL B 70 14.27 -7.28 -15.80
C VAL B 70 13.45 -6.10 -16.32
N ASN B 71 13.91 -5.49 -17.41
CA ASN B 71 13.11 -4.52 -18.14
C ASN B 71 12.33 -5.24 -19.22
N LEU B 72 11.00 -5.23 -19.09
CA LEU B 72 10.14 -5.99 -19.98
C LEU B 72 9.98 -5.33 -21.35
N THR B 73 10.17 -4.02 -21.40
CA THR B 73 10.16 -3.31 -22.67
C THR B 73 11.40 -3.69 -23.46
N SER B 74 12.55 -3.64 -22.79
CA SER B 74 13.81 -4.07 -23.37
C SER B 74 13.76 -5.54 -23.76
N MET B 75 12.95 -6.31 -23.04
CA MET B 75 12.93 -7.76 -23.21
C MET B 75 11.95 -8.21 -24.30
N SER B 76 10.87 -7.45 -24.49
CA SER B 76 9.91 -7.77 -25.55
C SER B 76 10.54 -7.51 -26.91
N LYS B 77 11.39 -6.49 -26.95
CA LYS B 77 12.11 -6.15 -28.18
C LYS B 77 12.95 -7.33 -28.64
N ILE B 78 13.68 -7.94 -27.71
CA ILE B 78 14.50 -9.09 -28.03
C ILE B 78 13.66 -10.24 -28.57
N LEU B 79 12.46 -10.40 -28.02
CA LEU B 79 11.61 -11.51 -28.41
C LEU B 79 10.93 -11.23 -29.74
N LYS B 80 10.90 -9.96 -30.15
CA LYS B 80 10.48 -9.63 -31.49
C LYS B 80 11.46 -10.26 -32.46
N CYS B 81 12.73 -10.26 -32.07
CA CYS B 81 13.78 -10.85 -32.89
C CYS B 81 13.68 -12.38 -32.92
N ALA B 82 12.70 -12.93 -32.21
CA ALA B 82 12.41 -14.35 -32.26
C ALA B 82 11.26 -14.63 -33.21
N GLY B 83 11.32 -15.78 -33.86
CA GLY B 83 10.25 -16.23 -34.73
C GLY B 83 9.20 -16.99 -33.94
N ASN B 84 8.01 -17.11 -34.50
CA ASN B 84 6.89 -17.74 -33.80
C ASN B 84 7.07 -19.24 -33.63
N GLU B 85 8.06 -19.81 -34.31
CA GLU B 85 8.37 -21.23 -34.18
C GLU B 85 9.85 -21.46 -33.94
N ASP B 86 10.49 -20.49 -33.31
CA ASP B 86 11.84 -20.67 -32.82
C ASP B 86 11.81 -21.33 -31.43
N ILE B 87 12.63 -22.36 -31.23
CA ILE B 87 12.82 -22.91 -29.90
C ILE B 87 13.62 -21.90 -29.09
N ILE B 88 13.07 -21.47 -27.97
CA ILE B 88 13.71 -20.45 -27.16
C ILE B 88 14.34 -21.08 -25.93
N THR B 89 15.56 -20.65 -25.62
CA THR B 89 16.25 -21.10 -24.42
C THR B 89 16.71 -19.92 -23.58
N LEU B 90 16.42 -20.00 -22.29
CA LEU B 90 16.85 -18.98 -21.35
C LEU B 90 18.04 -19.51 -20.57
N ARG B 91 19.02 -18.64 -20.31
CA ARG B 91 20.25 -19.04 -19.64
C ARG B 91 20.77 -17.97 -18.71
N ALA B 92 21.25 -18.40 -17.55
CA ALA B 92 21.82 -17.48 -16.56
C ALA B 92 22.69 -18.25 -15.58
N GLU B 93 23.68 -17.57 -15.01
CA GLU B 93 24.54 -18.17 -14.01
C GLU B 93 23.86 -18.13 -12.65
N ASP B 94 24.37 -18.91 -11.70
CA ASP B 94 23.78 -18.98 -10.37
C ASP B 94 23.73 -17.59 -9.74
N ASN B 95 24.76 -16.80 -10.03
CA ASN B 95 24.75 -15.39 -9.66
C ASN B 95 24.80 -14.56 -10.93
N ALA B 96 23.62 -14.23 -11.45
CA ALA B 96 23.51 -13.60 -12.76
C ALA B 96 23.20 -12.12 -12.69
N ASP B 97 23.93 -11.35 -13.50
CA ASP B 97 23.60 -9.96 -13.75
C ASP B 97 23.17 -9.80 -15.21
N THR B 98 23.19 -10.91 -15.94
CA THR B 98 22.72 -10.93 -17.32
C THR B 98 21.89 -12.16 -17.58
N LEU B 99 20.99 -12.06 -18.56
CA LEU B 99 20.15 -13.17 -18.98
C LEU B 99 20.34 -13.44 -20.46
N ALA B 100 20.57 -14.70 -20.79
CA ALA B 100 20.83 -15.11 -22.17
C ALA B 100 19.59 -15.72 -22.80
N LEU B 101 19.22 -15.21 -23.97
CA LEU B 101 18.12 -15.75 -24.75
C LEU B 101 18.62 -16.30 -26.08
N VAL B 102 18.26 -17.55 -26.37
CA VAL B 102 18.73 -18.25 -27.56
C VAL B 102 17.58 -18.74 -28.41
N PHE B 103 17.50 -18.28 -29.65
CA PHE B 103 16.44 -18.68 -30.56
C PHE B 103 16.98 -19.60 -31.65
N GLU B 104 16.37 -20.78 -31.77
CA GLU B 104 16.74 -21.75 -32.79
C GLU B 104 15.68 -21.81 -33.87
N ALA B 105 15.99 -21.31 -35.06
CA ALA B 105 15.05 -21.36 -36.17
C ALA B 105 14.80 -22.81 -36.54
N PRO B 106 13.59 -23.11 -37.03
CA PRO B 106 13.23 -24.49 -37.35
C PRO B 106 13.97 -25.01 -38.58
N ASN B 107 14.49 -24.10 -39.39
CA ASN B 107 15.27 -24.46 -40.57
C ASN B 107 16.58 -25.16 -40.20
N GLN B 108 16.95 -25.09 -38.92
CA GLN B 108 18.11 -25.81 -38.38
C GLN B 108 19.42 -25.28 -38.94
N GLU B 109 19.43 -24.00 -39.31
CA GLU B 109 20.65 -23.36 -39.82
C GLU B 109 20.79 -21.95 -39.29
N LYS B 110 19.75 -21.44 -38.64
CA LYS B 110 19.77 -20.10 -38.06
C LYS B 110 19.67 -20.20 -36.55
N VAL B 111 20.67 -19.66 -35.87
CA VAL B 111 20.68 -19.62 -34.41
C VAL B 111 21.05 -18.23 -33.94
N SER B 112 20.11 -17.56 -33.29
CA SER B 112 20.35 -16.22 -32.76
C SER B 112 20.62 -16.31 -31.27
N ASP B 113 21.53 -15.46 -30.81
CA ASP B 113 21.94 -15.45 -29.41
C ASP B 113 21.98 -14.03 -28.86
N TYR B 114 20.96 -13.71 -28.07
CA TYR B 114 20.85 -12.38 -27.46
C TYR B 114 21.16 -12.47 -25.96
N GLU B 115 21.88 -11.47 -25.45
CA GLU B 115 22.27 -11.43 -24.05
C GLU B 115 21.96 -10.06 -23.46
N MET B 116 21.01 -9.99 -22.52
CA MET B 116 20.54 -8.72 -22.00
C MET B 116 20.94 -8.50 -20.55
N LYS B 117 20.89 -7.24 -20.13
CA LYS B 117 21.42 -6.82 -18.85
C LYS B 117 20.29 -6.74 -17.82
N LEU B 118 20.58 -7.15 -16.59
CA LEU B 118 19.58 -7.16 -15.53
C LEU B 118 19.66 -5.90 -14.69
N MET B 119 18.67 -5.71 -13.83
CA MET B 119 18.60 -4.52 -12.98
C MET B 119 18.34 -4.89 -11.53
N ASP B 120 18.79 -4.04 -10.61
CA ASP B 120 18.53 -4.22 -9.19
C ASP B 120 17.13 -3.71 -8.87
N LEU B 121 16.29 -4.58 -8.31
CA LEU B 121 14.85 -4.31 -8.22
C LEU B 121 14.28 -4.28 -6.80
N ASP B 122 13.29 -3.44 -6.60
CA ASP B 122 12.55 -3.33 -5.35
C ASP B 122 11.27 -4.15 -5.41
N VAL B 123 11.31 -5.35 -4.84
CA VAL B 123 10.19 -6.28 -4.88
C VAL B 123 9.14 -5.96 -3.81
N GLU B 124 7.91 -6.42 -4.05
CA GLU B 124 6.80 -6.23 -3.12
C GLU B 124 6.16 -7.57 -2.78
N GLN B 125 5.71 -7.72 -1.53
CA GLN B 125 5.14 -8.98 -1.05
C GLN B 125 3.61 -8.87 -0.92
N LEU B 126 2.94 -10.02 -0.95
CA LEU B 126 1.47 -10.04 -0.89
C LEU B 126 0.88 -11.29 -0.22
N GLY B 127 -0.29 -11.17 0.43
CA GLY B 127 -1.09 -9.96 0.50
C GLY B 127 -2.54 -10.15 0.14
N ILE B 128 -2.89 -11.33 -0.37
CA ILE B 128 -4.20 -11.52 -0.98
C ILE B 128 -5.19 -12.29 -0.09
N PRO B 129 -6.39 -11.74 0.10
CA PRO B 129 -7.41 -12.48 0.85
C PRO B 129 -8.10 -13.48 -0.05
N GLU B 130 -8.46 -14.64 0.50
CA GLU B 130 -9.03 -15.70 -0.30
C GLU B 130 -10.28 -15.24 -1.03
N GLN B 131 -10.39 -15.66 -2.27
CA GLN B 131 -11.43 -15.17 -3.16
C GLN B 131 -12.80 -15.75 -2.86
N GLU B 132 -13.79 -14.86 -2.86
CA GLU B 132 -15.19 -15.27 -2.82
C GLU B 132 -15.61 -15.46 -4.26
N TYR B 133 -16.07 -16.65 -4.60
CA TYR B 133 -16.47 -16.94 -5.97
C TYR B 133 -17.93 -16.54 -6.17
N SER B 134 -18.22 -15.27 -5.92
CA SER B 134 -19.56 -14.74 -6.00
C SER B 134 -20.13 -14.90 -7.41
N CYS B 135 -19.29 -14.59 -8.40
CA CYS B 135 -19.67 -14.68 -9.79
C CYS B 135 -18.43 -15.10 -10.58
N VAL B 136 -18.58 -16.12 -11.43
CA VAL B 136 -17.48 -16.61 -12.26
C VAL B 136 -17.96 -16.76 -13.69
N VAL B 137 -17.19 -16.23 -14.63
CA VAL B 137 -17.56 -16.25 -16.03
C VAL B 137 -16.45 -16.80 -16.93
N LYS B 138 -16.76 -17.87 -17.64
CA LYS B 138 -15.84 -18.43 -18.64
C LYS B 138 -16.38 -18.14 -20.04
N MET B 139 -15.53 -17.59 -20.89
CA MET B 139 -15.94 -17.24 -22.25
C MET B 139 -14.75 -17.21 -23.18
N PRO B 140 -14.98 -17.15 -24.50
CA PRO B 140 -13.90 -16.96 -25.45
C PRO B 140 -13.09 -15.70 -25.15
N SER B 141 -11.76 -15.83 -25.19
CA SER B 141 -10.89 -14.71 -24.91
C SER B 141 -11.08 -13.60 -25.95
N GLY B 142 -11.33 -14.00 -27.19
CA GLY B 142 -11.55 -13.04 -28.27
C GLY B 142 -12.80 -12.23 -28.03
N GLU B 143 -13.88 -12.90 -27.68
CA GLU B 143 -15.15 -12.23 -27.40
C GLU B 143 -14.99 -11.22 -26.28
N PHE B 144 -14.25 -11.61 -25.24
CA PHE B 144 -14.00 -10.70 -24.14
C PHE B 144 -13.19 -9.50 -24.61
N ALA B 145 -12.20 -9.78 -25.44
CA ALA B 145 -11.37 -8.71 -26.01
C ALA B 145 -12.24 -7.79 -26.84
N ARG B 146 -13.11 -8.40 -27.64
CA ARG B 146 -14.04 -7.67 -28.49
C ARG B 146 -14.88 -6.72 -27.65
N ILE B 147 -15.47 -7.25 -26.59
CA ILE B 147 -16.30 -6.47 -25.70
C ILE B 147 -15.58 -5.27 -25.10
N CYS B 148 -14.36 -5.51 -24.62
CA CYS B 148 -13.60 -4.45 -23.97
C CYS B 148 -13.23 -3.35 -24.95
N ARG B 149 -12.99 -3.72 -26.20
CA ARG B 149 -12.66 -2.72 -27.23
C ARG B 149 -13.89 -1.88 -27.57
N ASP B 150 -15.03 -2.55 -27.69
CA ASP B 150 -16.29 -1.86 -28.02
C ASP B 150 -16.57 -0.73 -27.06
N LEU B 151 -16.62 -1.07 -25.77
CA LEU B 151 -17.00 -0.10 -24.75
C LEU B 151 -15.93 0.95 -24.55
N SER B 152 -14.72 0.67 -25.00
CA SER B 152 -13.63 1.63 -24.89
C SER B 152 -13.98 2.87 -25.72
N HIS B 153 -14.73 2.67 -26.79
CA HIS B 153 -15.13 3.78 -27.65
C HIS B 153 -16.22 4.59 -26.97
N ILE B 154 -17.04 3.90 -26.18
CA ILE B 154 -18.15 4.55 -25.49
C ILE B 154 -17.65 5.36 -24.30
N GLY B 155 -16.87 4.74 -23.43
CA GLY B 155 -16.40 5.39 -22.23
C GLY B 155 -15.10 4.82 -21.68
N ASP B 156 -14.66 5.38 -20.57
CA ASP B 156 -13.37 5.00 -19.98
C ASP B 156 -13.50 3.95 -18.91
N ALA B 157 -14.72 3.65 -18.50
CA ALA B 157 -14.95 2.70 -17.42
C ALA B 157 -16.16 1.82 -17.71
N VAL B 158 -16.18 0.66 -17.06
CA VAL B 158 -17.25 -0.32 -17.26
C VAL B 158 -17.84 -0.77 -15.93
N VAL B 159 -19.16 -0.90 -15.91
CA VAL B 159 -19.87 -1.48 -14.77
C VAL B 159 -20.28 -2.90 -15.09
N ILE B 160 -19.72 -3.85 -14.33
CA ILE B 160 -20.04 -5.26 -14.52
C ILE B 160 -21.00 -5.73 -13.44
N SER B 161 -22.08 -6.39 -13.86
CA SER B 161 -23.14 -6.82 -12.95
C SER B 161 -23.48 -8.29 -13.20
N CYS B 162 -23.64 -9.07 -12.14
CA CYS B 162 -23.95 -10.49 -12.24
C CYS B 162 -25.36 -10.81 -11.79
N ALA B 163 -25.92 -11.85 -12.38
CA ALA B 163 -27.20 -12.39 -11.96
C ALA B 163 -27.35 -13.76 -12.62
N LYS B 164 -28.53 -14.36 -12.55
CA LYS B 164 -28.72 -15.68 -13.13
C LYS B 164 -29.16 -15.58 -14.58
N ASP B 165 -29.71 -14.44 -14.96
CA ASP B 165 -29.97 -14.18 -16.37
C ASP B 165 -28.61 -14.21 -17.06
N GLY B 166 -27.60 -13.72 -16.34
CA GLY B 166 -26.24 -13.78 -16.78
C GLY B 166 -25.41 -12.64 -16.23
N VAL B 167 -24.45 -12.17 -17.02
CA VAL B 167 -23.57 -11.07 -16.64
C VAL B 167 -23.68 -9.95 -17.67
N LYS B 168 -23.53 -8.71 -17.20
CA LYS B 168 -23.81 -7.54 -18.01
C LYS B 168 -22.71 -6.49 -17.88
N PHE B 169 -22.28 -5.96 -19.02
CA PHE B 169 -21.26 -4.90 -19.07
C PHE B 169 -21.90 -3.61 -19.60
N SER B 170 -21.66 -2.51 -18.90
CA SER B 170 -22.29 -1.25 -19.22
C SER B 170 -21.31 -0.08 -19.15
N ALA B 171 -21.39 0.81 -20.14
CA ALA B 171 -20.57 2.02 -20.17
C ALA B 171 -21.38 3.22 -20.65
N SER B 172 -20.88 4.41 -20.38
CA SER B 172 -21.58 5.64 -20.75
C SER B 172 -20.62 6.77 -21.06
N GLY B 173 -20.94 7.55 -22.07
CA GLY B 173 -20.13 8.69 -22.47
C GLY B 173 -21.00 9.80 -23.03
N GLU B 174 -20.35 10.88 -23.48
CA GLU B 174 -21.08 12.01 -24.06
C GLU B 174 -21.72 11.61 -25.37
N LEU B 175 -21.18 10.58 -26.00
CA LEU B 175 -21.77 9.99 -27.19
C LEU B 175 -23.11 9.35 -26.84
N GLY B 176 -23.10 8.51 -25.82
CA GLY B 176 -24.28 7.79 -25.38
C GLY B 176 -23.90 6.79 -24.32
N ASN B 177 -24.69 5.74 -24.18
CA ASN B 177 -24.39 4.67 -23.24
C ASN B 177 -24.72 3.32 -23.86
N GLY B 178 -23.87 2.33 -23.61
CA GLY B 178 -24.04 1.02 -24.20
C GLY B 178 -24.03 -0.09 -23.17
N ASN B 179 -24.79 -1.14 -23.43
CA ASN B 179 -24.93 -2.26 -22.51
C ASN B 179 -24.79 -3.59 -23.23
N ILE B 180 -23.84 -4.42 -22.82
CA ILE B 180 -23.66 -5.74 -23.39
C ILE B 180 -24.00 -6.82 -22.36
N LYS B 181 -24.92 -7.71 -22.75
CA LYS B 181 -25.41 -8.76 -21.85
C LYS B 181 -25.00 -10.13 -22.34
N LEU B 182 -24.47 -10.94 -21.43
CA LEU B 182 -24.03 -12.30 -21.73
C LEU B 182 -24.84 -13.32 -20.94
N SER B 183 -25.32 -14.35 -21.60
CA SER B 183 -26.15 -15.37 -20.96
C SER B 183 -25.60 -16.78 -21.18
N GLN B 184 -25.87 -17.66 -20.21
CA GLN B 184 -25.43 -19.05 -20.27
C GLN B 184 -26.42 -19.90 -21.05
N THR B 185 -25.91 -20.91 -21.74
CA THR B 185 -26.73 -21.84 -22.52
C THR B 185 -25.82 -22.82 -23.27
N ALA B 194 -18.41 -21.76 -26.00
CA ALA B 194 -19.44 -21.79 -24.97
C ALA B 194 -19.17 -20.76 -23.88
N VAL B 195 -20.24 -20.14 -23.40
CA VAL B 195 -20.16 -19.22 -22.28
C VAL B 195 -20.76 -19.89 -21.05
N THR B 196 -20.19 -19.61 -19.88
CA THR B 196 -20.57 -20.27 -18.65
C THR B 196 -20.55 -19.31 -17.47
N ILE B 197 -21.72 -19.10 -16.85
CA ILE B 197 -21.83 -18.18 -15.71
C ILE B 197 -22.32 -18.91 -14.47
N GLU B 198 -21.48 -18.95 -13.45
CA GLU B 198 -21.84 -19.55 -12.16
C GLU B 198 -22.10 -18.47 -11.14
N MET B 199 -23.39 -18.19 -10.90
CA MET B 199 -23.79 -17.12 -9.99
C MET B 199 -24.29 -17.70 -8.66
N ASN B 200 -23.68 -17.24 -7.58
CA ASN B 200 -24.10 -17.62 -6.23
C ASN B 200 -24.67 -16.42 -5.49
N GLU B 201 -24.34 -15.23 -5.96
CA GLU B 201 -24.84 -13.99 -5.40
C GLU B 201 -24.75 -12.88 -6.44
N PRO B 202 -25.74 -11.98 -6.50
CA PRO B 202 -25.63 -10.89 -7.46
C PRO B 202 -24.58 -9.84 -7.05
N VAL B 203 -23.64 -9.55 -7.95
CA VAL B 203 -22.54 -8.61 -7.67
C VAL B 203 -22.53 -7.45 -8.65
N GLN B 204 -22.00 -6.30 -8.21
CA GLN B 204 -21.86 -5.15 -9.08
C GLN B 204 -20.65 -4.30 -8.71
N LEU B 205 -19.72 -4.16 -9.65
CA LEU B 205 -18.56 -3.29 -9.46
C LEU B 205 -18.20 -2.53 -10.74
N THR B 206 -17.34 -1.54 -10.59
CA THR B 206 -16.90 -0.70 -11.71
C THR B 206 -15.39 -0.79 -11.91
N PHE B 207 -14.96 -0.78 -13.16
CA PHE B 207 -13.54 -0.91 -13.50
C PHE B 207 -13.12 -0.02 -14.66
N ALA B 208 -11.82 0.23 -14.78
CA ALA B 208 -11.26 1.01 -15.88
C ALA B 208 -10.92 0.10 -17.05
N LEU B 209 -11.41 0.47 -18.24
CA LEU B 209 -11.26 -0.39 -19.41
C LEU B 209 -9.84 -0.41 -19.92
N ARG B 210 -9.10 0.67 -19.67
CA ARG B 210 -7.71 0.78 -20.08
C ARG B 210 -6.91 -0.44 -19.65
N TYR B 211 -7.09 -0.82 -18.39
CA TYR B 211 -6.37 -1.97 -17.84
C TYR B 211 -6.92 -3.27 -18.40
N LEU B 212 -8.24 -3.35 -18.56
CA LEU B 212 -8.85 -4.54 -19.14
C LEU B 212 -8.35 -4.74 -20.56
N ASN B 213 -8.15 -3.64 -21.27
CA ASN B 213 -7.64 -3.70 -22.63
C ASN B 213 -6.19 -4.12 -22.66
N PHE B 214 -5.45 -3.82 -21.58
CA PHE B 214 -4.10 -4.32 -21.42
C PHE B 214 -4.12 -5.82 -21.22
N PHE B 215 -5.04 -6.29 -20.39
CA PHE B 215 -5.14 -7.71 -20.08
C PHE B 215 -5.42 -8.52 -21.33
N THR B 216 -6.26 -7.97 -22.20
CA THR B 216 -6.69 -8.66 -23.40
C THR B 216 -5.57 -8.85 -24.41
N LYS B 217 -4.41 -8.26 -24.14
CA LYS B 217 -3.25 -8.50 -24.98
C LYS B 217 -2.78 -9.94 -24.83
N ALA B 218 -3.30 -10.63 -23.82
CA ALA B 218 -2.95 -12.03 -23.57
C ALA B 218 -3.91 -12.96 -24.28
N THR B 219 -4.81 -12.39 -25.09
CA THR B 219 -5.82 -13.15 -25.80
C THR B 219 -5.26 -14.35 -26.59
N PRO B 220 -4.10 -14.17 -27.25
CA PRO B 220 -3.60 -15.27 -28.08
C PRO B 220 -3.17 -16.50 -27.29
N LEU B 221 -3.00 -16.37 -25.98
CA LEU B 221 -2.49 -17.47 -25.16
C LEU B 221 -3.52 -18.57 -24.94
N SER B 222 -4.78 -18.18 -24.80
CA SER B 222 -5.86 -19.14 -24.58
C SER B 222 -7.10 -18.76 -25.35
N SER B 223 -7.85 -19.76 -25.79
CA SER B 223 -9.12 -19.53 -26.45
C SER B 223 -10.13 -19.00 -25.46
N THR B 224 -9.92 -19.32 -24.18
CA THR B 224 -10.86 -18.96 -23.12
C THR B 224 -10.28 -17.97 -22.12
N VAL B 225 -11.16 -17.23 -21.47
CA VAL B 225 -10.79 -16.36 -20.37
C VAL B 225 -11.76 -16.58 -19.22
N THR B 226 -11.26 -16.45 -18.00
CA THR B 226 -12.07 -16.63 -16.80
C THR B 226 -12.12 -15.33 -16.01
N LEU B 227 -13.31 -15.00 -15.51
CA LEU B 227 -13.49 -13.79 -14.72
C LEU B 227 -14.14 -14.08 -13.38
N ILE B 228 -13.32 -14.15 -12.34
CA ILE B 228 -13.84 -14.32 -10.98
C ILE B 228 -14.11 -12.95 -10.41
N MET B 229 -15.34 -12.76 -9.94
CA MET B 229 -15.77 -11.45 -9.47
C MET B 229 -16.48 -11.56 -8.13
N SER B 230 -16.13 -10.68 -7.20
CA SER B 230 -16.77 -10.64 -5.89
C SER B 230 -16.80 -9.23 -5.32
N ALA B 231 -17.70 -9.02 -4.36
CA ALA B 231 -17.93 -7.70 -3.80
C ALA B 231 -16.75 -7.19 -2.98
N ASP B 232 -16.32 -5.97 -3.31
CA ASP B 232 -15.30 -5.26 -2.54
C ASP B 232 -13.95 -5.97 -2.55
N VAL B 233 -13.75 -6.85 -3.53
CA VAL B 233 -12.44 -7.49 -3.75
C VAL B 233 -12.08 -7.25 -5.21
N PRO B 234 -10.77 -7.09 -5.51
CA PRO B 234 -10.38 -6.85 -6.90
C PRO B 234 -10.84 -7.94 -7.88
N LEU B 235 -10.98 -7.56 -9.14
CA LEU B 235 -11.38 -8.50 -10.18
C LEU B 235 -10.21 -9.38 -10.60
N VAL B 236 -10.53 -10.61 -10.99
CA VAL B 236 -9.53 -11.55 -11.47
C VAL B 236 -9.82 -11.95 -12.92
N VAL B 237 -8.82 -11.80 -13.78
CA VAL B 237 -8.90 -12.23 -15.18
C VAL B 237 -7.78 -13.24 -15.44
N GLU B 238 -8.16 -14.47 -15.77
CA GLU B 238 -7.19 -15.56 -15.89
C GLU B 238 -7.15 -16.17 -17.29
N TYR B 239 -5.93 -16.39 -17.78
CA TYR B 239 -5.70 -17.13 -19.01
C TYR B 239 -4.83 -18.35 -18.70
N LYS B 240 -5.26 -19.53 -19.13
CA LYS B 240 -4.44 -20.72 -19.00
C LYS B 240 -3.45 -20.80 -20.15
N ILE B 241 -2.32 -21.44 -19.92
CA ILE B 241 -1.27 -21.52 -20.94
C ILE B 241 -0.95 -22.97 -21.27
N ALA B 242 -1.78 -23.56 -22.10
CA ALA B 242 -1.57 -24.89 -22.66
C ALA B 242 -0.99 -25.91 -21.67
N ASP B 243 -1.73 -26.17 -20.60
CA ASP B 243 -1.30 -27.13 -19.58
C ASP B 243 0.14 -26.90 -19.15
N MET B 244 0.55 -25.64 -19.13
CA MET B 244 1.87 -25.26 -18.66
C MET B 244 1.77 -24.32 -17.48
N GLY B 245 0.60 -23.71 -17.33
CA GLY B 245 0.36 -22.81 -16.22
C GLY B 245 -0.78 -21.86 -16.50
N HIS B 246 -0.67 -20.65 -16.00
CA HIS B 246 -1.72 -19.66 -16.11
C HIS B 246 -1.17 -18.26 -16.00
N LEU B 247 -1.96 -17.29 -16.45
CA LEU B 247 -1.61 -15.88 -16.34
C LEU B 247 -2.77 -15.17 -15.68
N LYS B 248 -2.55 -14.62 -14.50
CA LYS B 248 -3.61 -13.98 -13.73
C LYS B 248 -3.42 -12.48 -13.60
N TYR B 249 -4.48 -11.75 -13.98
CA TYR B 249 -4.51 -10.30 -13.80
C TYR B 249 -5.46 -9.93 -12.67
N TYR B 250 -4.97 -9.16 -11.71
CA TYR B 250 -5.81 -8.61 -10.65
C TYR B 250 -6.09 -7.13 -10.95
N LEU B 251 -7.33 -6.70 -10.76
CA LEU B 251 -7.72 -5.32 -11.05
C LEU B 251 -8.58 -4.74 -9.94
N ALA B 252 -8.16 -3.58 -9.43
CA ALA B 252 -8.90 -2.89 -8.38
C ALA B 252 -10.06 -2.08 -8.96
N PRO B 253 -11.24 -2.19 -8.36
CA PRO B 253 -12.39 -1.41 -8.85
C PRO B 253 -12.31 0.06 -8.44
N LYS B 254 -13.34 0.83 -8.76
CA LYS B 254 -13.42 2.24 -8.40
C LYS B 254 -14.38 2.43 -7.23
N ILE B 255 -14.16 3.49 -6.46
CA ILE B 255 -14.94 3.76 -5.26
C ILE B 255 -15.15 5.26 -5.06
N SER C 1 -2.84 20.64 39.73
CA SER C 1 -3.11 22.07 39.89
C SER C 1 -2.35 22.91 38.87
N THR C 2 -1.12 22.50 38.57
CA THR C 2 -0.26 23.23 37.64
C THR C 2 0.32 22.31 36.58
N GLN C 3 0.23 22.74 35.32
CA GLN C 3 0.65 21.93 34.19
C GLN C 3 2.17 21.70 34.17
N GLY C 4 2.56 20.43 34.21
CA GLY C 4 3.97 20.05 34.15
C GLY C 4 4.54 20.12 32.74
N ARG C 5 5.87 20.16 32.64
CA ARG C 5 6.56 20.13 31.35
C ARG C 5 7.46 18.90 31.30
N LEU C 6 7.62 18.35 30.10
CA LEU C 6 8.37 17.10 29.93
C LEU C 6 9.81 17.21 30.42
N ASP C 7 10.35 18.43 30.46
CA ASP C 7 11.72 18.63 30.92
C ASP C 7 11.89 18.22 32.37
N ASP C 8 10.78 18.27 33.11
CA ASP C 8 10.79 17.90 34.50
C ASP C 8 10.85 16.39 34.67
N PHE C 9 10.48 15.67 33.61
CA PHE C 9 10.45 14.21 33.65
C PHE C 9 11.54 13.63 32.76
N PHE C 10 11.66 14.17 31.56
CA PHE C 10 12.68 13.72 30.62
C PHE C 10 13.89 14.65 30.65
N LYS C 11 15.03 14.14 30.18
CA LYS C 11 16.24 14.94 30.09
C LYS C 11 16.28 15.65 28.74
N VAL C 12 16.32 16.98 28.78
CA VAL C 12 16.23 17.76 27.56
C VAL C 12 17.44 18.67 27.38
N THR C 13 18.12 18.52 26.25
CA THR C 13 19.24 19.36 25.86
C THR C 13 19.26 19.51 24.34
N GLY C 14 19.84 20.62 23.86
CA GLY C 14 19.90 20.86 22.44
C GLY C 14 20.95 21.88 22.06
N SER D 1 -16.63 6.61 -7.15
CA SER D 1 -16.25 7.07 -8.48
C SER D 1 -14.78 7.46 -8.53
N THR D 2 -13.96 6.79 -7.71
CA THR D 2 -12.53 7.04 -7.67
C THR D 2 -11.79 5.73 -7.85
N GLN D 3 -10.77 5.73 -8.70
CA GLN D 3 -10.03 4.52 -9.02
C GLN D 3 -9.28 3.99 -7.80
N GLY D 4 -9.68 2.80 -7.34
CA GLY D 4 -9.07 2.16 -6.19
C GLY D 4 -7.71 1.58 -6.48
N ARG D 5 -6.92 1.35 -5.43
CA ARG D 5 -5.62 0.69 -5.56
C ARG D 5 -5.62 -0.61 -4.78
N LEU D 6 -4.90 -1.61 -5.28
CA LEU D 6 -4.89 -2.93 -4.68
C LEU D 6 -4.36 -2.90 -3.25
N ASP D 7 -3.58 -1.88 -2.92
CA ASP D 7 -3.06 -1.73 -1.57
C ASP D 7 -4.19 -1.55 -0.58
N ASP D 8 -5.33 -1.05 -1.06
CA ASP D 8 -6.49 -0.83 -0.21
C ASP D 8 -7.24 -2.13 0.05
N PHE D 9 -6.98 -3.14 -0.77
CA PHE D 9 -7.62 -4.44 -0.62
C PHE D 9 -6.61 -5.47 -0.14
N PHE D 10 -5.42 -5.41 -0.70
CA PHE D 10 -4.36 -6.35 -0.41
C PHE D 10 -3.31 -5.77 0.53
N LYS D 11 -2.65 -6.62 1.27
CA LYS D 11 -1.53 -6.22 2.12
C LYS D 11 -0.27 -6.23 1.25
N VAL D 12 0.44 -5.11 1.18
CA VAL D 12 1.56 -5.02 0.24
C VAL D 12 2.91 -4.97 0.98
N THR D 13 3.35 -3.79 1.39
CA THR D 13 4.66 -3.64 2.03
C THR D 13 5.77 -4.16 1.13
#